data_3SOC
#
_entry.id   3SOC
#
_cell.length_a   110.680
_cell.length_b   110.680
_cell.length_c   208.061
_cell.angle_alpha   90.00
_cell.angle_beta   90.00
_cell.angle_gamma   120.00
#
_symmetry.space_group_name_H-M   'P 65 2 2'
#
loop_
_entity.id
_entity.type
_entity.pdbx_description
1 polymer 'Activin receptor type-2A'
2 non-polymer [4-({4-[(5-CYCLOPROPYL-1H-PYRAZOL-3-YL)AMINO]QUINAZOLIN-2-YL}IMINO)CYCLOHEXA-2,5-DIEN-1-YL]ACETONITRILE
3 non-polymer 1,2-ETHANEDIOL
4 water water
#
_entity_poly.entity_id   1
_entity_poly.type   'polypeptide(L)'
_entity_poly.pdbx_seq_one_letter_code
;MGHHHHHHSSGVDLGTENLYFQSMPLQLLEVKARGRFGCVWKAQLLNEYVAVKIFPIQDKQSWQNEYEVYSLPGMKHENI
LQFIGAEKRGTSVDVDLWLITAFHEKGSLSDFLKANVVSWNELCHIAETMARGLAYLHEDIPGLKDGHKPAISHRDIKSK
NVLLKNNLTACIADFGLALKFEAGKSAGDTHGQVGTRRYMAPEVLEGAINFQRDAFLRIDMYAMGLVLWELASRCTAADG
PVDEYMLPFEEEIGQHPSLEDMQEVVVHKKKRPVLRDYWQKHAGMAMLCETIEECWDHDAEARLSAGCVGERITQMQRLT
NI
;
_entity_poly.pdbx_strand_id   A,B
#
# COMPACT_ATOMS: atom_id res chain seq x y z
N LEU A 14 -35.70 -10.39 8.75
CA LEU A 14 -36.95 -10.87 8.07
C LEU A 14 -36.77 -12.30 7.52
N GLY A 15 -35.56 -12.63 7.08
CA GLY A 15 -35.24 -13.96 6.54
C GLY A 15 -34.43 -14.83 7.51
N THR A 16 -35.00 -15.97 7.88
CA THR A 16 -34.30 -16.93 8.73
C THR A 16 -33.65 -18.04 7.84
N GLU A 17 -33.89 -17.96 6.54
CA GLU A 17 -33.33 -18.93 5.61
C GLU A 17 -32.02 -18.45 5.10
N ASN A 18 -31.04 -19.34 5.10
CA ASN A 18 -29.74 -19.03 4.56
C ASN A 18 -29.34 -19.97 3.42
N LEU A 19 -28.49 -19.46 2.53
CA LEU A 19 -27.68 -20.32 1.68
C LEU A 19 -26.42 -20.70 2.45
N TYR A 20 -25.70 -21.71 1.97
CA TYR A 20 -24.50 -22.15 2.65
C TYR A 20 -23.37 -22.31 1.65
N PHE A 21 -22.19 -21.89 2.07
CA PHE A 21 -20.98 -22.00 1.28
C PHE A 21 -19.92 -22.54 2.24
N GLN A 22 -19.42 -23.75 2.01
CA GLN A 22 -18.42 -24.37 2.93
C GLN A 22 -18.96 -24.41 4.34
N SER A 23 -20.20 -24.89 4.46
CA SER A 23 -20.91 -24.97 5.74
C SER A 23 -21.19 -23.66 6.48
N MET A 24 -20.83 -22.51 5.91
CA MET A 24 -21.11 -21.23 6.57
C MET A 24 -22.36 -20.57 5.97
N PRO A 25 -23.16 -19.89 6.78
CA PRO A 25 -24.38 -19.32 6.29
C PRO A 25 -24.09 -18.04 5.51
N LEU A 26 -24.84 -17.85 4.45
CA LEU A 26 -24.68 -16.69 3.55
C LEU A 26 -26.06 -16.21 3.19
N GLN A 27 -26.25 -14.89 3.17
CA GLN A 27 -27.45 -14.31 2.57
C GLN A 27 -27.10 -13.28 1.48
N LEU A 28 -27.86 -13.31 0.39
CA LEU A 28 -27.70 -12.39 -0.71
C LEU A 28 -28.37 -11.06 -0.36
N LEU A 29 -27.71 -9.95 -0.66
CA LEU A 29 -28.26 -8.64 -0.34
C LEU A 29 -28.81 -8.04 -1.62
N GLU A 30 -27.94 -7.79 -2.60
CA GLU A 30 -28.43 -7.21 -3.85
C GLU A 30 -27.44 -7.33 -4.97
N VAL A 31 -27.96 -7.30 -6.18
CA VAL A 31 -27.19 -7.70 -7.32
C VAL A 31 -26.66 -6.48 -8.10
N LYS A 32 -25.54 -6.69 -8.80
CA LYS A 32 -25.00 -5.80 -9.86
C LYS A 32 -24.58 -6.61 -11.11
N ALA A 33 -24.75 -6.02 -12.28
CA ALA A 33 -24.51 -6.73 -13.54
C ALA A 33 -23.02 -6.80 -13.73
N ARG A 34 -22.57 -7.77 -14.51
CA ARG A 34 -21.24 -7.67 -15.12
C ARG A 34 -21.21 -8.48 -16.43
N GLY A 35 -20.01 -8.68 -16.99
CA GLY A 35 -19.82 -9.26 -18.32
C GLY A 35 -20.22 -10.72 -18.51
N ARG A 36 -20.37 -11.08 -19.79
CA ARG A 36 -20.76 -12.43 -20.25
C ARG A 36 -22.09 -12.91 -19.61
N PHE A 37 -23.01 -11.96 -19.42
CA PHE A 37 -24.30 -12.19 -18.74
C PHE A 37 -24.15 -12.84 -17.35
N GLY A 38 -23.05 -12.51 -16.66
CA GLY A 38 -22.85 -12.90 -15.26
C GLY A 38 -23.48 -11.86 -14.34
N CYS A 39 -23.34 -12.07 -13.03
CA CYS A 39 -23.75 -11.05 -12.10
C CYS A 39 -22.93 -11.19 -10.85
N VAL A 40 -22.90 -10.12 -10.10
CA VAL A 40 -22.21 -10.13 -8.83
CA VAL A 40 -22.15 -9.98 -8.85
C VAL A 40 -23.13 -9.56 -7.78
N TRP A 41 -23.29 -10.36 -6.73
CA TRP A 41 -24.08 -9.96 -5.60
C TRP A 41 -23.21 -9.47 -4.47
N LYS A 42 -23.69 -8.43 -3.80
CA LYS A 42 -23.22 -8.11 -2.45
C LYS A 42 -23.92 -9.14 -1.58
N ALA A 43 -23.17 -9.86 -0.75
CA ALA A 43 -23.73 -10.85 0.13
C ALA A 43 -23.14 -10.69 1.55
N GLN A 44 -23.79 -11.32 2.52
CA GLN A 44 -23.23 -11.42 3.87
C GLN A 44 -22.90 -12.90 4.14
N LEU A 45 -21.61 -13.17 4.28
CA LEU A 45 -21.09 -14.46 4.67
C LEU A 45 -20.63 -14.38 6.16
N LEU A 46 -21.29 -15.18 6.98
CA LEU A 46 -21.20 -15.05 8.43
C LEU A 46 -21.51 -13.60 8.85
N ASN A 47 -20.50 -12.82 9.24
CA ASN A 47 -20.69 -11.44 9.69
C ASN A 47 -19.87 -10.44 8.88
N GLU A 48 -19.56 -10.81 7.65
CA GLU A 48 -18.87 -9.91 6.75
C GLU A 48 -19.52 -9.86 5.37
N TYR A 49 -19.39 -8.71 4.72
CA TYR A 49 -19.83 -8.61 3.36
C TYR A 49 -18.80 -9.19 2.43
N VAL A 50 -19.29 -9.94 1.45
CA VAL A 50 -18.49 -10.45 0.36
C VAL A 50 -19.21 -10.23 -0.98
N ALA A 51 -18.47 -10.47 -2.06
CA ALA A 51 -19.01 -10.41 -3.40
C ALA A 51 -19.13 -11.84 -3.92
N VAL A 52 -20.33 -12.23 -4.31
CA VAL A 52 -20.54 -13.54 -4.91
C VAL A 52 -20.78 -13.36 -6.40
N LYS A 53 -19.79 -13.70 -7.19
CA LYS A 53 -19.95 -13.72 -8.65
C LYS A 53 -20.60 -15.01 -9.11
N ILE A 54 -21.66 -14.87 -9.90
CA ILE A 54 -22.43 -16.02 -10.38
C ILE A 54 -22.36 -16.03 -11.90
N PHE A 55 -21.88 -17.13 -12.46
CA PHE A 55 -21.63 -17.27 -13.90
C PHE A 55 -22.62 -18.27 -14.45
N PRO A 56 -23.25 -17.96 -15.59
CA PRO A 56 -24.02 -19.04 -16.22
C PRO A 56 -23.08 -20.13 -16.73
N ILE A 57 -23.60 -21.35 -16.87
CA ILE A 57 -22.78 -22.47 -17.32
C ILE A 57 -22.15 -22.17 -18.68
N GLN A 58 -22.77 -21.29 -19.45
CA GLN A 58 -22.19 -20.86 -20.74
C GLN A 58 -20.87 -20.10 -20.59
N ASP A 59 -20.64 -19.48 -19.42
CA ASP A 59 -19.38 -18.78 -19.20
C ASP A 59 -18.50 -19.52 -18.19
N LYS A 60 -18.55 -20.85 -18.29
CA LYS A 60 -17.78 -21.74 -17.42
C LYS A 60 -16.31 -21.52 -17.66
N GLN A 61 -15.92 -21.29 -18.92
CA GLN A 61 -14.53 -21.04 -19.27
C GLN A 61 -13.95 -19.90 -18.45
N SER A 62 -14.70 -18.78 -18.35
CA SER A 62 -14.23 -17.61 -17.58
C SER A 62 -14.17 -17.89 -16.08
N TRP A 63 -15.16 -18.61 -15.59
CA TRP A 63 -15.18 -19.01 -14.21
C TRP A 63 -13.97 -19.85 -13.88
N GLN A 64 -13.71 -20.86 -14.72
CA GLN A 64 -12.60 -21.80 -14.53
CA GLN A 64 -12.62 -21.78 -14.49
C GLN A 64 -11.27 -21.09 -14.61
N ASN A 65 -11.17 -20.15 -15.55
CA ASN A 65 -9.96 -19.41 -15.77
C ASN A 65 -9.62 -18.56 -14.56
N GLU A 66 -10.61 -17.86 -14.01
CA GLU A 66 -10.37 -16.98 -12.87
C GLU A 66 -9.97 -17.79 -11.62
N TYR A 67 -10.66 -18.92 -11.44
CA TYR A 67 -10.38 -19.87 -10.36
C TYR A 67 -8.94 -20.39 -10.46
N GLU A 68 -8.53 -20.78 -11.66
CA GLU A 68 -7.16 -21.25 -11.93
C GLU A 68 -6.15 -20.20 -11.64
N VAL A 69 -6.41 -18.98 -12.10
CA VAL A 69 -5.51 -17.88 -11.82
C VAL A 69 -5.33 -17.62 -10.32
N TYR A 70 -6.46 -17.55 -9.61
CA TYR A 70 -6.40 -17.36 -8.19
C TYR A 70 -5.81 -18.55 -7.45
N SER A 71 -5.70 -19.68 -8.13
CA SER A 71 -5.08 -20.83 -7.55
C SER A 71 -3.62 -20.89 -7.81
N LEU A 72 -3.06 -19.96 -8.58
CA LEU A 72 -1.63 -19.94 -8.78
C LEU A 72 -0.87 -19.49 -7.53
N PRO A 73 0.40 -19.92 -7.41
CA PRO A 73 1.23 -19.52 -6.28
C PRO A 73 1.27 -18.02 -6.17
N GLY A 74 1.16 -17.51 -4.95
CA GLY A 74 1.46 -16.13 -4.63
C GLY A 74 0.34 -15.14 -4.92
N MET A 75 -0.86 -15.65 -5.26
CA MET A 75 -1.98 -14.78 -5.63
C MET A 75 -2.79 -14.26 -4.41
N LYS A 76 -2.06 -13.64 -3.51
CA LYS A 76 -2.64 -12.94 -2.40
C LYS A 76 -1.79 -11.70 -2.25
N HIS A 77 -2.41 -10.52 -2.30
CA HIS A 77 -1.67 -9.28 -2.40
C HIS A 77 -2.61 -8.16 -2.12
N GLU A 78 -2.13 -7.16 -1.42
CA GLU A 78 -2.93 -5.99 -1.08
CA GLU A 78 -2.98 -6.03 -1.06
C GLU A 78 -3.64 -5.37 -2.29
N ASN A 79 -3.00 -5.44 -3.45
CA ASN A 79 -3.48 -4.79 -4.65
C ASN A 79 -4.07 -5.76 -5.69
N ILE A 80 -4.45 -6.92 -5.20
CA ILE A 80 -5.17 -7.92 -5.98
CA ILE A 80 -5.18 -7.91 -5.99
C ILE A 80 -6.44 -8.23 -5.21
N LEU A 81 -7.59 -8.08 -5.85
CA LEU A 81 -8.87 -8.38 -5.20
C LEU A 81 -8.79 -9.75 -4.55
N GLN A 82 -9.12 -9.82 -3.27
CA GLN A 82 -8.95 -11.03 -2.48
C GLN A 82 -9.96 -12.10 -2.87
N PHE A 83 -9.43 -13.28 -3.20
CA PHE A 83 -10.20 -14.47 -3.45
C PHE A 83 -10.62 -15.11 -2.16
N ILE A 84 -11.88 -15.52 -2.09
CA ILE A 84 -12.40 -16.27 -0.95
C ILE A 84 -12.64 -17.74 -1.28
N GLY A 85 -13.19 -18.01 -2.44
CA GLY A 85 -13.48 -19.38 -2.85
C GLY A 85 -14.30 -19.46 -4.12
N ALA A 86 -14.44 -20.68 -4.65
CA ALA A 86 -15.19 -20.98 -5.85
C ALA A 86 -15.77 -22.35 -5.75
N GLU A 87 -16.96 -22.51 -6.31
CA GLU A 87 -17.55 -23.83 -6.45
C GLU A 87 -18.65 -23.90 -7.52
N LYS A 88 -18.86 -25.10 -8.04
CA LYS A 88 -20.07 -25.48 -8.77
C LYS A 88 -21.16 -25.75 -7.75
N ARG A 89 -22.36 -25.28 -8.06
CA ARG A 89 -23.52 -25.42 -7.21
C ARG A 89 -24.66 -26.00 -8.03
N GLY A 90 -25.58 -26.65 -7.33
CA GLY A 90 -26.79 -27.16 -7.92
C GLY A 90 -26.65 -28.59 -8.41
N THR A 91 -27.57 -28.96 -9.29
CA THR A 91 -27.72 -30.32 -9.77
C THR A 91 -26.85 -30.51 -11.00
N SER A 92 -26.76 -31.77 -11.46
CA SER A 92 -26.13 -32.08 -12.73
C SER A 92 -26.70 -31.22 -13.87
N VAL A 93 -28.02 -31.00 -13.83
CA VAL A 93 -28.73 -30.35 -14.93
C VAL A 93 -28.87 -28.84 -14.78
N ASP A 94 -29.05 -28.38 -13.55
CA ASP A 94 -29.22 -26.95 -13.26
C ASP A 94 -28.00 -26.44 -12.46
N VAL A 95 -26.94 -26.09 -13.19
CA VAL A 95 -25.64 -25.75 -12.58
C VAL A 95 -25.40 -24.26 -12.58
N ASP A 96 -25.04 -23.74 -11.41
CA ASP A 96 -24.53 -22.39 -11.23
C ASP A 96 -23.05 -22.53 -10.86
N LEU A 97 -22.28 -21.52 -11.25
CA LEU A 97 -20.85 -21.43 -10.90
C LEU A 97 -20.67 -20.19 -10.04
N TRP A 98 -20.08 -20.35 -8.85
CA TRP A 98 -19.86 -19.24 -7.91
C TRP A 98 -18.39 -19.01 -7.74
N LEU A 99 -18.04 -17.72 -7.64
CA LEU A 99 -16.71 -17.31 -7.27
C LEU A 99 -16.88 -16.11 -6.35
N ILE A 100 -16.37 -16.27 -5.15
CA ILE A 100 -16.55 -15.28 -4.10
C ILE A 100 -15.24 -14.59 -3.82
N THR A 101 -15.31 -13.26 -3.75
CA THR A 101 -14.20 -12.41 -3.42
C THR A 101 -14.62 -11.44 -2.29
N ALA A 102 -13.68 -10.59 -1.91
CA ALA A 102 -13.96 -9.54 -0.95
C ALA A 102 -14.87 -8.53 -1.60
N PHE A 103 -15.65 -7.84 -0.76
CA PHE A 103 -16.54 -6.79 -1.22
C PHE A 103 -15.97 -5.42 -0.79
N HIS A 104 -15.97 -4.47 -1.71
CA HIS A 104 -15.46 -3.13 -1.49
C HIS A 104 -16.59 -2.12 -1.79
N GLU A 105 -17.08 -1.50 -0.73
CA GLU A 105 -18.26 -0.62 -0.73
C GLU A 105 -18.11 0.59 -1.68
N LYS A 106 -16.89 1.10 -1.79
CA LYS A 106 -16.59 2.17 -2.77
C LYS A 106 -16.61 1.74 -4.21
N GLY A 107 -16.66 0.44 -4.47
CA GLY A 107 -16.82 -0.04 -5.84
C GLY A 107 -15.63 0.15 -6.79
N SER A 108 -15.92 0.22 -8.08
CA SER A 108 -14.89 0.28 -9.10
C SER A 108 -14.44 1.70 -9.28
N LEU A 109 -13.25 1.86 -9.82
CA LEU A 109 -12.70 3.18 -10.01
C LEU A 109 -13.61 3.92 -10.99
N SER A 110 -14.21 3.19 -11.91
CA SER A 110 -15.11 3.82 -12.89
C SER A 110 -16.29 4.49 -12.22
N ASP A 111 -16.98 3.73 -11.39
CA ASP A 111 -18.14 4.26 -10.67
C ASP A 111 -17.73 5.40 -9.71
N PHE A 112 -16.53 5.28 -9.14
CA PHE A 112 -16.01 6.29 -8.26
C PHE A 112 -15.81 7.64 -8.96
N LEU A 113 -15.15 7.58 -10.11
CA LEU A 113 -14.82 8.75 -10.90
C LEU A 113 -16.06 9.39 -11.52
N LYS A 114 -17.07 8.57 -11.82
CA LYS A 114 -18.39 9.05 -12.24
C LYS A 114 -18.97 10.00 -11.17
N ALA A 115 -18.86 9.63 -9.91
CA ALA A 115 -19.50 10.35 -8.83
C ALA A 115 -18.59 11.34 -8.08
N ASN A 116 -17.28 11.33 -8.35
CA ASN A 116 -16.32 12.10 -7.54
C ASN A 116 -15.21 12.62 -8.39
N VAL A 117 -14.68 13.80 -8.03
CA VAL A 117 -13.35 14.24 -8.48
C VAL A 117 -12.31 13.74 -7.47
N VAL A 118 -11.05 13.73 -7.89
CA VAL A 118 -9.92 13.30 -7.06
C VAL A 118 -8.88 14.41 -6.94
N SER A 119 -8.38 14.61 -5.71
CA SER A 119 -7.28 15.52 -5.49
C SER A 119 -6.05 14.89 -6.11
N TRP A 120 -5.00 15.68 -6.23
CA TRP A 120 -3.73 15.20 -6.72
C TRP A 120 -3.23 14.06 -5.86
N ASN A 121 -3.29 14.20 -4.53
CA ASN A 121 -2.79 13.13 -3.66
C ASN A 121 -3.63 11.85 -3.69
N GLU A 122 -4.95 12.02 -3.82
CA GLU A 122 -5.85 10.89 -4.05
C GLU A 122 -5.51 10.16 -5.35
N LEU A 123 -5.24 10.93 -6.40
CA LEU A 123 -4.88 10.38 -7.69
C LEU A 123 -3.58 9.57 -7.61
N CYS A 124 -2.56 10.12 -6.96
CA CYS A 124 -1.29 9.39 -6.83
C CYS A 124 -1.46 8.07 -6.08
N HIS A 125 -2.25 8.08 -5.01
CA HIS A 125 -2.41 6.88 -4.22
C HIS A 125 -3.13 5.78 -5.05
N ILE A 126 -4.18 6.17 -5.77
CA ILE A 126 -4.87 5.24 -6.66
C ILE A 126 -3.94 4.72 -7.72
N ALA A 127 -3.21 5.62 -8.39
CA ALA A 127 -2.31 5.23 -9.47
C ALA A 127 -1.20 4.32 -9.01
N GLU A 128 -0.61 4.66 -7.87
CA GLU A 128 0.53 3.88 -7.36
C GLU A 128 0.10 2.48 -6.92
N THR A 129 -1.04 2.39 -6.23
CA THR A 129 -1.46 1.08 -5.74
C THR A 129 -1.97 0.23 -6.90
N MET A 130 -2.63 0.83 -7.87
CA MET A 130 -2.96 0.14 -9.09
C MET A 130 -1.74 -0.37 -9.84
N ALA A 131 -0.71 0.45 -10.04
CA ALA A 131 0.51 0.03 -10.76
C ALA A 131 1.25 -1.09 -10.05
N ARG A 132 1.25 -1.02 -8.72
CA ARG A 132 1.84 -2.07 -7.88
C ARG A 132 1.19 -3.43 -8.08
N GLY A 133 -0.14 -3.43 -8.11
CA GLY A 133 -0.92 -4.65 -8.31
C GLY A 133 -0.66 -5.26 -9.66
N LEU A 134 -0.66 -4.42 -10.70
CA LEU A 134 -0.41 -4.88 -12.05
C LEU A 134 1.06 -5.32 -12.20
N ALA A 135 2.00 -4.58 -11.61
CA ALA A 135 3.43 -4.98 -11.66
C ALA A 135 3.60 -6.36 -11.02
N TYR A 136 2.95 -6.55 -9.86
CA TYR A 136 2.99 -7.85 -9.18
C TYR A 136 2.35 -8.97 -10.02
N LEU A 137 1.16 -8.71 -10.57
CA LEU A 137 0.54 -9.67 -11.52
C LEU A 137 1.48 -10.08 -12.63
N HIS A 138 2.17 -9.10 -13.23
CA HIS A 138 3.07 -9.38 -14.35
C HIS A 138 4.36 -10.03 -13.94
N GLU A 139 4.63 -10.17 -12.65
CA GLU A 139 5.97 -10.58 -12.18
CA GLU A 139 5.97 -10.57 -12.21
C GLU A 139 6.09 -12.07 -11.98
N ASP A 140 7.16 -12.66 -12.52
CA ASP A 140 7.46 -14.08 -12.31
C ASP A 140 8.25 -14.13 -11.02
N ILE A 141 7.84 -14.97 -10.06
CA ILE A 141 8.48 -15.03 -8.74
C ILE A 141 8.73 -16.47 -8.28
N PRO A 142 9.97 -16.99 -8.46
CA PRO A 142 10.33 -18.28 -7.84
C PRO A 142 10.37 -18.23 -6.34
N GLY A 143 10.26 -19.39 -5.71
CA GLY A 143 10.60 -19.51 -4.31
C GLY A 143 9.51 -19.27 -3.28
N LEU A 144 8.25 -19.22 -3.69
CA LEU A 144 7.16 -19.09 -2.73
CA LEU A 144 7.15 -19.09 -2.75
C LEU A 144 6.85 -20.42 -2.07
N LYS A 145 6.32 -20.38 -0.86
CA LYS A 145 5.95 -21.60 -0.14
C LYS A 145 4.91 -22.39 -0.95
N ASP A 146 4.00 -21.69 -1.62
CA ASP A 146 3.00 -22.41 -2.42
CA ASP A 146 3.00 -22.38 -2.47
C ASP A 146 3.46 -22.74 -3.87
N GLY A 147 4.70 -22.39 -4.24
CA GLY A 147 5.22 -22.67 -5.59
C GLY A 147 5.86 -21.48 -6.29
N HIS A 148 5.92 -21.57 -7.61
CA HIS A 148 6.57 -20.59 -8.47
C HIS A 148 5.46 -19.76 -9.10
N LYS A 149 5.35 -18.46 -8.76
CA LYS A 149 4.32 -17.62 -9.42
C LYS A 149 4.76 -17.27 -10.82
N PRO A 150 3.95 -17.59 -11.83
CA PRO A 150 4.24 -17.13 -13.20
C PRO A 150 3.85 -15.68 -13.41
N ALA A 151 4.46 -15.05 -14.41
CA ALA A 151 3.96 -13.79 -14.94
C ALA A 151 2.55 -14.07 -15.42
N ILE A 152 1.65 -13.12 -15.16
CA ILE A 152 0.26 -13.21 -15.61
C ILE A 152 -0.14 -11.92 -16.30
N SER A 153 -0.69 -12.02 -17.53
CA SER A 153 -1.31 -10.87 -18.20
CA SER A 153 -1.30 -10.86 -18.18
C SER A 153 -2.78 -10.84 -17.81
N HIS A 154 -3.32 -9.66 -17.58
CA HIS A 154 -4.74 -9.54 -17.21
C HIS A 154 -5.72 -9.64 -18.41
N ARG A 155 -5.43 -8.83 -19.43
CA ARG A 155 -6.14 -8.87 -20.73
C ARG A 155 -7.49 -8.16 -20.76
N ASP A 156 -7.85 -7.49 -19.67
CA ASP A 156 -9.02 -6.64 -19.68
C ASP A 156 -8.90 -5.51 -18.66
N ILE A 157 -7.74 -4.86 -18.69
CA ILE A 157 -7.48 -3.74 -17.77
C ILE A 157 -8.38 -2.56 -18.16
N LYS A 158 -9.01 -1.96 -17.16
CA LYS A 158 -9.96 -0.88 -17.33
C LYS A 158 -10.41 -0.45 -15.96
N SER A 159 -11.01 0.72 -15.86
CA SER A 159 -11.31 1.33 -14.57
C SER A 159 -12.41 0.55 -13.82
N LYS A 160 -13.23 -0.13 -14.60
CA LYS A 160 -14.26 -0.97 -14.03
C LYS A 160 -13.66 -2.23 -13.31
N ASN A 161 -12.46 -2.66 -13.74
CA ASN A 161 -11.76 -3.80 -13.14
C ASN A 161 -10.69 -3.38 -12.14
N VAL A 162 -10.81 -2.16 -11.63
CA VAL A 162 -10.01 -1.69 -10.53
C VAL A 162 -10.99 -1.33 -9.45
N LEU A 163 -10.90 -2.01 -8.31
CA LEU A 163 -11.77 -1.77 -7.20
C LEU A 163 -11.00 -0.92 -6.17
N LEU A 164 -11.75 -0.13 -5.41
CA LEU A 164 -11.22 0.74 -4.42
C LEU A 164 -11.65 0.39 -3.01
N LYS A 165 -10.65 0.25 -2.17
CA LYS A 165 -10.86 0.07 -0.75
C LYS A 165 -11.25 1.38 -0.10
N ASN A 166 -11.59 1.36 1.19
CA ASN A 166 -12.15 2.54 1.81
CA ASN A 166 -12.13 2.56 1.84
C ASN A 166 -11.18 3.73 1.82
N ASN A 167 -9.86 3.47 1.91
CA ASN A 167 -8.85 4.53 1.80
C ASN A 167 -8.35 4.78 0.37
N LEU A 168 -9.12 4.34 -0.64
CA LEU A 168 -8.80 4.54 -2.04
C LEU A 168 -7.63 3.69 -2.52
N THR A 169 -7.11 2.80 -1.69
CA THR A 169 -6.16 1.80 -2.18
C THR A 169 -6.81 0.95 -3.28
N ALA A 170 -6.13 0.81 -4.42
CA ALA A 170 -6.63 0.07 -5.58
C ALA A 170 -6.32 -1.42 -5.50
N CYS A 171 -7.23 -2.25 -6.03
CA CYS A 171 -6.90 -3.62 -6.33
C CYS A 171 -7.45 -4.06 -7.67
N ILE A 172 -6.68 -4.90 -8.33
CA ILE A 172 -7.00 -5.35 -9.66
C ILE A 172 -7.97 -6.51 -9.48
N ALA A 173 -9.01 -6.51 -10.31
CA ALA A 173 -10.07 -7.49 -10.23
C ALA A 173 -10.32 -8.10 -11.61
N ASP A 174 -11.02 -9.24 -11.58
CA ASP A 174 -11.56 -9.98 -12.76
C ASP A 174 -10.50 -10.64 -13.58
N PHE A 175 -10.19 -11.90 -13.22
CA PHE A 175 -9.15 -12.67 -13.92
C PHE A 175 -9.71 -13.70 -14.86
N GLY A 176 -10.95 -13.45 -15.33
CA GLY A 176 -11.62 -14.37 -16.24
C GLY A 176 -10.95 -14.55 -17.61
N LEU A 177 -10.17 -13.56 -18.02
CA LEU A 177 -9.43 -13.59 -19.27
C LEU A 177 -7.93 -13.67 -19.10
N ALA A 178 -7.48 -13.72 -17.85
CA ALA A 178 -6.07 -13.63 -17.57
C ALA A 178 -5.32 -14.85 -18.07
N LEU A 179 -4.07 -14.63 -18.43
CA LEU A 179 -3.25 -15.69 -19.09
C LEU A 179 -1.86 -15.73 -18.47
N LYS A 180 -1.48 -16.89 -17.91
CA LYS A 180 -0.16 -17.06 -17.31
C LYS A 180 0.85 -17.43 -18.37
N PHE A 181 2.12 -17.20 -18.06
CA PHE A 181 3.21 -17.55 -18.95
C PHE A 181 4.25 -18.33 -18.20
N GLU A 182 4.60 -19.50 -18.71
CA GLU A 182 5.64 -20.33 -18.10
C GLU A 182 6.90 -20.23 -18.96
N ALA A 183 8.03 -19.89 -18.34
CA ALA A 183 9.29 -19.70 -19.08
C ALA A 183 9.60 -20.89 -20.02
N GLY A 184 9.05 -22.06 -19.69
CA GLY A 184 9.10 -23.23 -20.55
C GLY A 184 8.46 -23.10 -21.92
N LYS A 185 7.21 -22.61 -21.97
CA LYS A 185 6.38 -22.71 -23.18
C LYS A 185 5.99 -21.36 -23.86
N SER A 186 5.33 -21.48 -25.02
CA SER A 186 4.69 -20.36 -25.72
C SER A 186 3.36 -20.00 -25.05
N ALA A 187 2.81 -18.83 -25.39
CA ALA A 187 1.54 -18.38 -24.79
C ALA A 187 0.38 -19.35 -25.03
N GLY A 188 -0.34 -19.68 -23.95
CA GLY A 188 -1.46 -20.64 -24.00
C GLY A 188 -2.75 -20.16 -24.65
N ASP A 189 -3.81 -20.97 -24.48
CA ASP A 189 -5.07 -20.79 -25.21
C ASP A 189 -5.93 -19.69 -24.57
N THR A 190 -6.26 -18.65 -25.35
CA THR A 190 -7.15 -17.56 -24.91
C THR A 190 -8.62 -17.86 -25.22
N HIS A 191 -8.82 -18.98 -25.94
CA HIS A 191 -10.15 -19.56 -26.23
C HIS A 191 -11.08 -18.66 -27.04
N GLY A 192 -10.48 -17.73 -27.79
CA GLY A 192 -11.22 -16.74 -28.56
C GLY A 192 -11.79 -15.56 -27.79
N GLN A 193 -11.52 -15.50 -26.47
CA GLN A 193 -12.00 -14.37 -25.65
C GLN A 193 -11.01 -13.18 -25.71
N VAL A 194 -11.59 -11.97 -25.78
CA VAL A 194 -10.82 -10.75 -25.94
C VAL A 194 -11.41 -9.70 -24.96
N GLY A 195 -10.70 -8.60 -24.77
CA GLY A 195 -11.08 -7.58 -23.80
C GLY A 195 -12.07 -6.50 -24.25
N THR A 196 -12.21 -5.45 -23.46
CA THR A 196 -13.14 -4.37 -23.76
C THR A 196 -12.58 -3.56 -24.93
N ARG A 197 -13.34 -3.51 -26.04
CA ARG A 197 -12.94 -2.80 -27.27
C ARG A 197 -12.26 -1.46 -27.02
N ARG A 198 -12.95 -0.61 -26.27
CA ARG A 198 -12.43 0.73 -25.93
C ARG A 198 -10.95 0.74 -25.53
N TYR A 199 -10.52 -0.28 -24.80
CA TYR A 199 -9.21 -0.26 -24.16
C TYR A 199 -8.17 -1.07 -24.91
N MET A 200 -8.56 -1.58 -26.07
CA MET A 200 -7.70 -2.45 -26.85
C MET A 200 -6.63 -1.65 -27.49
N ALA A 201 -5.40 -2.16 -27.39
CA ALA A 201 -4.25 -1.56 -28.08
C ALA A 201 -4.41 -1.70 -29.58
N PRO A 202 -3.79 -0.78 -30.36
CA PRO A 202 -3.88 -0.79 -31.82
C PRO A 202 -3.58 -2.14 -32.46
N GLU A 203 -2.50 -2.79 -32.01
CA GLU A 203 -2.12 -4.10 -32.53
C GLU A 203 -3.21 -5.17 -32.27
N VAL A 204 -3.97 -5.04 -31.20
CA VAL A 204 -5.13 -5.94 -30.98
C VAL A 204 -6.27 -5.60 -31.93
N LEU A 205 -6.52 -4.30 -32.08
CA LEU A 205 -7.55 -3.81 -33.00
C LEU A 205 -7.27 -4.23 -34.47
N GLU A 206 -6.00 -4.17 -34.87
CA GLU A 206 -5.52 -4.63 -36.16
C GLU A 206 -5.59 -6.14 -36.35
N GLY A 207 -5.82 -6.90 -35.27
CA GLY A 207 -5.89 -8.34 -35.36
C GLY A 207 -4.56 -9.06 -35.49
N ALA A 208 -3.47 -8.42 -35.09
CA ALA A 208 -2.18 -9.12 -34.95
C ALA A 208 -2.38 -10.30 -34.00
N ILE A 209 -1.77 -11.44 -34.32
CA ILE A 209 -2.02 -12.69 -33.58
C ILE A 209 -0.68 -13.34 -33.23
N ASN A 210 -0.75 -14.39 -32.42
CA ASN A 210 0.42 -15.11 -31.92
C ASN A 210 1.29 -14.18 -31.06
N PHE A 211 0.63 -13.35 -30.25
CA PHE A 211 1.35 -12.53 -29.28
C PHE A 211 2.11 -13.48 -28.32
N GLN A 212 3.23 -13.00 -27.76
CA GLN A 212 3.92 -13.71 -26.67
C GLN A 212 4.01 -12.82 -25.40
N ARG A 213 4.66 -13.32 -24.36
CA ARG A 213 4.56 -12.73 -23.03
C ARG A 213 4.62 -11.20 -23.03
N ASP A 214 5.70 -10.69 -23.57
CA ASP A 214 5.99 -9.27 -23.47
C ASP A 214 4.93 -8.45 -24.21
N ALA A 215 4.41 -9.00 -25.32
CA ALA A 215 3.36 -8.37 -26.10
C ALA A 215 2.04 -8.28 -25.32
N PHE A 216 1.68 -9.35 -24.61
CA PHE A 216 0.46 -9.33 -23.77
C PHE A 216 0.61 -8.27 -22.66
N LEU A 217 1.79 -8.20 -22.06
CA LEU A 217 2.05 -7.23 -21.01
C LEU A 217 1.93 -5.79 -21.55
N ARG A 218 2.40 -5.58 -22.77
CA ARG A 218 2.35 -4.23 -23.35
C ARG A 218 0.91 -3.87 -23.70
N ILE A 219 0.10 -4.87 -24.01
CA ILE A 219 -1.31 -4.65 -24.19
C ILE A 219 -1.97 -4.15 -22.90
N ASP A 220 -1.65 -4.78 -21.77
CA ASP A 220 -2.19 -4.34 -20.51
C ASP A 220 -1.74 -2.87 -20.22
N MET A 221 -0.48 -2.55 -20.50
CA MET A 221 0.08 -1.21 -20.18
C MET A 221 -0.59 -0.07 -21.00
N TYR A 222 -0.95 -0.36 -22.25
CA TYR A 222 -1.72 0.56 -23.07
C TYR A 222 -3.07 0.86 -22.41
N ALA A 223 -3.80 -0.20 -22.06
CA ALA A 223 -5.09 -0.03 -21.38
C ALA A 223 -4.86 0.74 -20.07
N MET A 224 -3.78 0.42 -19.38
CA MET A 224 -3.47 1.14 -18.13
C MET A 224 -3.23 2.67 -18.36
N GLY A 225 -2.55 3.02 -19.44
CA GLY A 225 -2.44 4.40 -19.88
C GLY A 225 -3.83 5.04 -19.91
N LEU A 226 -4.78 4.35 -20.47
CA LEU A 226 -6.11 4.92 -20.60
C LEU A 226 -6.74 5.15 -19.23
N VAL A 227 -6.53 4.21 -18.30
CA VAL A 227 -7.04 4.37 -16.94
C VAL A 227 -6.38 5.55 -16.22
N LEU A 228 -5.08 5.69 -16.38
CA LEU A 228 -4.39 6.83 -15.86
C LEU A 228 -4.99 8.15 -16.43
N TRP A 229 -5.30 8.16 -17.72
CA TRP A 229 -6.01 9.31 -18.35
C TRP A 229 -7.34 9.58 -17.63
N GLU A 230 -8.10 8.53 -17.33
CA GLU A 230 -9.35 8.73 -16.62
C GLU A 230 -9.16 9.44 -15.28
N LEU A 231 -8.15 9.03 -14.55
CA LEU A 231 -7.81 9.69 -13.29
C LEU A 231 -7.48 11.17 -13.57
N ALA A 232 -6.57 11.40 -14.49
CA ALA A 232 -6.14 12.77 -14.84
C ALA A 232 -7.32 13.65 -15.18
N SER A 233 -8.28 13.08 -15.90
CA SER A 233 -9.43 13.81 -16.39
C SER A 233 -10.37 14.25 -15.30
N ARG A 234 -10.24 13.70 -14.09
CA ARG A 234 -11.12 14.09 -12.99
C ARG A 234 -10.33 14.59 -11.79
N CYS A 235 -9.11 15.03 -12.03
CA CYS A 235 -8.24 15.50 -10.97
C CYS A 235 -8.30 17.03 -10.86
N THR A 236 -8.45 17.52 -9.63
CA THR A 236 -8.54 18.96 -9.33
C THR A 236 -7.21 19.69 -9.43
N ALA A 237 -6.12 18.96 -9.69
CA ALA A 237 -4.84 19.61 -9.91
C ALA A 237 -4.75 20.28 -11.29
N ALA A 238 -5.77 20.08 -12.12
CA ALA A 238 -5.86 20.76 -13.42
C ALA A 238 -5.99 22.24 -13.09
N ASP A 239 -5.32 23.09 -13.85
CA ASP A 239 -5.45 24.53 -13.65
C ASP A 239 -6.61 25.04 -14.50
N GLY A 240 -7.82 24.67 -14.09
CA GLY A 240 -9.01 24.82 -14.93
C GLY A 240 -10.13 23.91 -14.48
N PRO A 241 -11.26 23.95 -15.19
CA PRO A 241 -12.42 23.16 -14.79
C PRO A 241 -12.19 21.67 -14.96
N VAL A 242 -12.89 20.90 -14.13
CA VAL A 242 -12.91 19.45 -14.20
C VAL A 242 -14.25 19.09 -14.79
N ASP A 243 -14.23 18.49 -15.98
CA ASP A 243 -15.47 18.09 -16.67
C ASP A 243 -16.09 16.86 -16.07
N GLU A 244 -17.33 16.59 -16.47
CA GLU A 244 -18.02 15.40 -16.00
C GLU A 244 -17.32 14.16 -16.56
N TYR A 245 -17.47 13.06 -15.85
CA TYR A 245 -16.70 11.88 -16.19
C TYR A 245 -17.08 11.36 -17.56
N MET A 246 -16.09 11.05 -18.37
CA MET A 246 -16.35 10.27 -19.57
C MET A 246 -15.35 9.14 -19.74
N LEU A 247 -15.82 8.06 -20.35
CA LEU A 247 -14.95 6.94 -20.62
C LEU A 247 -13.91 7.30 -21.70
N PRO A 248 -12.76 6.62 -21.69
CA PRO A 248 -11.80 6.91 -22.76
C PRO A 248 -12.44 6.72 -24.12
N PHE A 249 -12.19 7.68 -25.01
CA PHE A 249 -12.74 7.66 -26.38
C PHE A 249 -14.26 7.91 -26.49
N GLU A 250 -14.94 8.11 -25.37
CA GLU A 250 -16.38 8.32 -25.41
C GLU A 250 -16.73 9.62 -26.15
N GLU A 251 -15.93 10.65 -25.96
CA GLU A 251 -16.17 11.93 -26.64
C GLU A 251 -16.16 11.70 -28.16
N GLU A 252 -15.29 10.81 -28.62
CA GLU A 252 -15.08 10.59 -30.03
C GLU A 252 -16.08 9.56 -30.59
N ILE A 253 -16.24 8.40 -29.94
CA ILE A 253 -17.03 7.30 -30.52
C ILE A 253 -18.18 6.81 -29.61
N GLY A 254 -18.39 7.49 -28.49
CA GLY A 254 -19.54 7.27 -27.61
C GLY A 254 -19.43 6.07 -26.67
N GLN A 255 -20.60 5.72 -26.11
CA GLN A 255 -20.72 4.67 -25.10
C GLN A 255 -20.83 3.22 -25.62
N HIS A 256 -21.16 3.04 -26.90
CA HIS A 256 -21.31 1.69 -27.45
C HIS A 256 -20.65 1.52 -28.83
N PRO A 257 -19.32 1.57 -28.90
CA PRO A 257 -18.66 1.51 -30.20
C PRO A 257 -18.54 0.12 -30.80
N SER A 258 -18.58 0.04 -32.13
CA SER A 258 -18.19 -1.20 -32.81
C SER A 258 -16.67 -1.35 -32.79
N LEU A 259 -16.19 -2.56 -33.08
CA LEU A 259 -14.77 -2.76 -33.37
C LEU A 259 -14.26 -1.83 -34.50
N GLU A 260 -15.08 -1.67 -35.54
CA GLU A 260 -14.78 -0.79 -36.66
C GLU A 260 -14.63 0.69 -36.25
N ASP A 261 -15.45 1.14 -35.30
CA ASP A 261 -15.32 2.49 -34.73
C ASP A 261 -13.97 2.69 -34.04
N MET A 262 -13.60 1.72 -33.21
CA MET A 262 -12.34 1.77 -32.53
C MET A 262 -11.17 1.68 -33.50
N GLN A 263 -11.27 0.80 -34.50
CA GLN A 263 -10.15 0.64 -35.43
C GLN A 263 -9.91 1.98 -36.11
N GLU A 264 -10.99 2.65 -36.49
CA GLU A 264 -10.86 3.90 -37.20
C GLU A 264 -10.14 4.91 -36.34
N VAL A 265 -10.64 5.09 -35.12
CA VAL A 265 -10.13 6.13 -34.25
C VAL A 265 -8.71 5.88 -33.74
N VAL A 266 -8.40 4.64 -33.41
CA VAL A 266 -7.07 4.31 -32.80
C VAL A 266 -6.01 3.83 -33.81
N VAL A 267 -6.39 2.96 -34.74
CA VAL A 267 -5.41 2.39 -35.66
C VAL A 267 -5.20 3.39 -36.79
N HIS A 268 -6.30 3.76 -37.43
CA HIS A 268 -6.25 4.60 -38.63
C HIS A 268 -5.90 6.05 -38.30
N LYS A 269 -6.67 6.69 -37.43
CA LYS A 269 -6.38 8.07 -37.05
C LYS A 269 -5.30 8.24 -36.00
N LYS A 270 -4.83 7.15 -35.37
CA LYS A 270 -3.77 7.21 -34.35
C LYS A 270 -4.11 8.21 -33.22
N LYS A 271 -5.39 8.38 -32.92
CA LYS A 271 -5.83 9.34 -31.90
C LYS A 271 -5.93 8.72 -30.50
N ARG A 272 -5.81 9.57 -29.47
CA ARG A 272 -5.92 9.17 -28.05
C ARG A 272 -6.78 10.18 -27.30
N PRO A 273 -7.27 9.83 -26.09
CA PRO A 273 -7.98 10.81 -25.29
C PRO A 273 -7.11 12.05 -25.08
N VAL A 274 -7.74 13.22 -24.98
CA VAL A 274 -7.03 14.49 -25.03
C VAL A 274 -6.41 14.77 -23.67
N LEU A 275 -5.09 14.99 -23.70
CA LEU A 275 -4.30 15.58 -22.62
C LEU A 275 -4.18 17.08 -22.78
N ARG A 276 -4.99 17.79 -22.01
CA ARG A 276 -5.07 19.24 -22.09
C ARG A 276 -3.80 19.92 -21.59
N ASP A 277 -3.34 20.96 -22.30
CA ASP A 277 -2.18 21.75 -21.85
C ASP A 277 -2.37 22.29 -20.42
N TYR A 278 -3.58 22.76 -20.08
CA TYR A 278 -3.83 23.31 -18.73
C TYR A 278 -3.80 22.25 -17.61
N TRP A 279 -3.78 20.97 -17.98
CA TRP A 279 -3.45 19.90 -17.01
C TRP A 279 -1.97 19.90 -16.63
N GLN A 280 -1.12 20.64 -17.35
CA GLN A 280 0.34 20.50 -17.21
C GLN A 280 1.03 21.64 -16.45
N LYS A 281 0.25 22.56 -15.88
CA LYS A 281 0.83 23.61 -15.03
C LYS A 281 1.43 22.94 -13.80
N HIS A 282 0.58 22.18 -13.10
CA HIS A 282 1.01 21.36 -11.98
C HIS A 282 2.11 20.43 -12.51
N ALA A 283 3.30 20.56 -11.93
CA ALA A 283 4.48 19.78 -12.30
C ALA A 283 4.25 18.26 -12.20
N GLY A 284 3.51 17.85 -11.18
CA GLY A 284 3.14 16.43 -11.07
C GLY A 284 2.31 15.97 -12.25
N MET A 285 1.21 16.67 -12.51
CA MET A 285 0.36 16.33 -13.64
C MET A 285 1.09 16.28 -14.94
N ALA A 286 2.03 17.20 -15.15
CA ALA A 286 2.76 17.26 -16.41
C ALA A 286 3.50 15.94 -16.59
N MET A 287 4.10 15.50 -15.51
CA MET A 287 4.80 14.25 -15.50
C MET A 287 3.82 13.08 -15.70
N LEU A 288 2.62 13.20 -15.15
CA LEU A 288 1.59 12.15 -15.29
C LEU A 288 1.26 12.03 -16.78
N CYS A 289 1.00 13.17 -17.40
CA CYS A 289 0.70 13.24 -18.80
C CYS A 289 1.75 12.60 -19.67
N GLU A 290 3.01 12.91 -19.39
CA GLU A 290 4.12 12.27 -20.09
C GLU A 290 4.08 10.75 -19.94
N THR A 291 3.86 10.29 -18.71
CA THR A 291 3.78 8.85 -18.44
C THR A 291 2.65 8.20 -19.22
N ILE A 292 1.51 8.87 -19.28
CA ILE A 292 0.32 8.39 -20.02
C ILE A 292 0.68 8.21 -21.48
N GLU A 293 1.25 9.25 -22.06
CA GLU A 293 1.70 9.21 -23.45
C GLU A 293 2.64 8.03 -23.73
N GLU A 294 3.56 7.75 -22.81
CA GLU A 294 4.45 6.60 -23.00
C GLU A 294 3.73 5.26 -22.88
N CYS A 295 2.81 5.14 -21.95
CA CYS A 295 1.97 3.93 -21.83
C CYS A 295 1.10 3.62 -23.08
N TRP A 296 0.57 4.63 -23.75
CA TRP A 296 -0.36 4.35 -24.85
C TRP A 296 0.23 4.54 -26.23
N ASP A 297 1.56 4.63 -26.30
CA ASP A 297 2.27 4.75 -27.56
C ASP A 297 1.79 3.71 -28.57
N HIS A 298 1.57 4.11 -29.81
CA HIS A 298 1.28 3.16 -30.89
C HIS A 298 2.31 2.01 -30.92
N ASP A 299 3.61 2.32 -30.72
CA ASP A 299 4.63 1.26 -30.68
C ASP A 299 4.63 0.56 -29.33
N ALA A 300 4.17 -0.69 -29.31
CA ALA A 300 4.14 -1.50 -28.07
C ALA A 300 5.52 -1.58 -27.40
N GLU A 301 6.58 -1.74 -28.19
CA GLU A 301 7.94 -1.86 -27.62
C GLU A 301 8.37 -0.61 -26.86
N ALA A 302 7.82 0.54 -27.26
CA ALA A 302 8.11 1.81 -26.61
C ALA A 302 7.39 2.01 -25.26
N ARG A 303 6.36 1.20 -24.97
CA ARG A 303 5.58 1.39 -23.75
C ARG A 303 6.37 1.05 -22.49
N LEU A 304 6.01 1.73 -21.40
CA LEU A 304 6.58 1.48 -20.09
C LEU A 304 5.99 0.22 -19.48
N SER A 305 6.82 -0.48 -18.70
CA SER A 305 6.37 -1.62 -17.91
C SER A 305 5.58 -1.10 -16.70
N ALA A 306 4.82 -2.00 -16.05
CA ALA A 306 4.06 -1.64 -14.85
C ALA A 306 4.99 -1.16 -13.73
N GLY A 307 6.12 -1.84 -13.57
CA GLY A 307 7.09 -1.48 -12.53
C GLY A 307 7.61 -0.08 -12.79
N CYS A 308 7.97 0.18 -14.04
CA CYS A 308 8.47 1.51 -14.40
CA CYS A 308 8.45 1.50 -14.43
C CYS A 308 7.40 2.56 -14.18
N VAL A 309 6.14 2.24 -14.47
CA VAL A 309 5.07 3.18 -14.21
C VAL A 309 4.96 3.48 -12.70
N GLY A 310 5.14 2.46 -11.87
CA GLY A 310 5.03 2.63 -10.41
C GLY A 310 6.06 3.61 -9.90
N GLU A 311 7.29 3.46 -10.39
CA GLU A 311 8.40 4.35 -10.11
C GLU A 311 8.09 5.79 -10.51
N ARG A 312 7.61 5.96 -11.75
CA ARG A 312 7.20 7.28 -12.22
C ARG A 312 6.18 7.89 -11.26
N ILE A 313 5.22 7.09 -10.79
CA ILE A 313 4.21 7.62 -9.90
C ILE A 313 4.83 8.07 -8.58
N THR A 314 5.77 7.28 -8.05
CA THR A 314 6.51 7.66 -6.83
C THR A 314 7.24 8.99 -7.03
N GLN A 315 7.80 9.20 -8.23
CA GLN A 315 8.53 10.44 -8.52
C GLN A 315 7.61 11.64 -8.54
N MET A 316 6.54 11.57 -9.35
CA MET A 316 5.52 12.61 -9.37
C MET A 316 5.16 13.10 -7.96
N GLN A 317 4.85 12.13 -7.09
CA GLN A 317 4.58 12.38 -5.66
C GLN A 317 5.71 13.16 -5.02
N ARG A 318 6.92 12.57 -5.02
CA ARG A 318 8.14 13.18 -4.47
C ARG A 318 8.33 14.65 -4.87
N LEU A 319 8.02 14.97 -6.13
CA LEU A 319 8.17 16.34 -6.64
C LEU A 319 6.91 17.19 -6.32
N THR A 320 5.78 16.82 -6.92
CA THR A 320 4.49 17.49 -6.69
C THR A 320 4.50 18.96 -7.11
N SER B 10 8.59 -22.47 13.82
CA SER B 10 7.39 -21.75 13.31
C SER B 10 7.34 -21.78 11.78
N GLY B 11 6.51 -22.67 11.22
CA GLY B 11 6.28 -22.72 9.75
C GLY B 11 5.84 -24.07 9.16
N VAL B 12 4.84 -24.04 8.28
CA VAL B 12 4.31 -25.25 7.62
C VAL B 12 5.26 -25.72 6.50
N ASP B 13 5.49 -27.04 6.40
CA ASP B 13 6.35 -27.63 5.34
C ASP B 13 5.49 -28.28 4.24
N LEU B 14 5.48 -27.69 3.05
CA LEU B 14 4.64 -28.15 1.92
C LEU B 14 5.44 -28.90 0.82
N GLY B 15 6.75 -29.04 0.98
CA GLY B 15 7.60 -29.74 0.00
C GLY B 15 7.93 -29.05 -1.33
N THR B 16 7.86 -27.72 -1.36
CA THR B 16 8.09 -26.98 -2.61
C THR B 16 9.52 -26.43 -2.74
N GLU B 17 9.83 -25.92 -3.94
CA GLU B 17 11.10 -25.24 -4.25
C GLU B 17 11.45 -24.09 -3.27
N ASN B 18 12.70 -24.08 -2.82
CA ASN B 18 13.12 -23.00 -1.95
C ASN B 18 14.30 -22.26 -2.54
N LEU B 19 14.52 -21.08 -1.97
CA LEU B 19 15.68 -20.25 -2.25
C LEU B 19 16.69 -20.47 -1.13
N TYR B 20 17.80 -19.76 -1.20
CA TYR B 20 18.78 -19.76 -0.12
C TYR B 20 19.22 -18.40 0.34
N PHE B 21 19.46 -18.29 1.65
CA PHE B 21 20.10 -17.14 2.24
C PHE B 21 21.15 -17.64 3.22
N GLN B 22 22.39 -17.26 2.97
CA GLN B 22 23.55 -17.80 3.71
C GLN B 22 23.48 -19.36 3.79
N SER B 23 23.12 -19.98 2.66
CA SER B 23 22.98 -21.43 2.50
C SER B 23 21.86 -22.10 3.28
N MET B 24 21.01 -21.32 3.94
CA MET B 24 19.83 -21.83 4.63
C MET B 24 18.59 -21.75 3.72
N PRO B 25 17.69 -22.72 3.80
CA PRO B 25 16.54 -22.69 2.93
C PRO B 25 15.68 -21.51 3.30
N LEU B 26 15.21 -20.80 2.28
CA LEU B 26 14.30 -19.65 2.49
C LEU B 26 13.13 -19.76 1.51
N GLN B 27 11.92 -19.52 2.00
CA GLN B 27 10.75 -19.46 1.15
C GLN B 27 9.95 -18.22 1.46
N LEU B 28 9.51 -17.55 0.40
CA LEU B 28 8.71 -16.38 0.52
C LEU B 28 7.27 -16.83 0.73
N LEU B 29 6.54 -16.17 1.63
CA LEU B 29 5.18 -16.52 1.90
C LEU B 29 4.23 -15.55 1.21
N GLU B 30 4.22 -14.31 1.69
CA GLU B 30 3.34 -13.30 1.15
C GLU B 30 3.84 -11.89 1.36
N VAL B 31 3.46 -11.02 0.42
CA VAL B 31 3.90 -9.65 0.45
C VAL B 31 2.97 -8.95 1.41
N LYS B 32 3.52 -8.40 2.48
CA LYS B 32 2.70 -7.87 3.57
C LYS B 32 2.38 -6.42 3.30
N ALA B 33 3.24 -5.77 2.54
CA ALA B 33 3.09 -4.36 2.24
C ALA B 33 4.26 -3.90 1.41
N ARG B 34 4.19 -2.59 1.15
CA ARG B 34 5.23 -1.79 0.58
C ARG B 34 5.93 -1.02 1.73
N GLY B 35 5.13 -0.34 2.55
CA GLY B 35 5.68 0.75 3.34
C GLY B 35 6.35 1.66 2.32
N ARG B 36 7.23 2.55 2.76
CA ARG B 36 7.75 3.58 1.84
C ARG B 36 8.70 2.97 0.80
N PHE B 37 9.60 2.10 1.26
CA PHE B 37 10.73 1.65 0.47
C PHE B 37 10.74 0.15 0.32
N GLY B 38 10.63 -0.27 -0.94
CA GLY B 38 10.66 -1.67 -1.27
C GLY B 38 9.48 -2.47 -0.77
N CYS B 39 9.58 -3.76 -1.00
CA CYS B 39 8.53 -4.69 -0.80
C CYS B 39 8.88 -5.50 0.46
N VAL B 40 7.92 -5.74 1.34
CA VAL B 40 8.19 -6.57 2.51
C VAL B 40 7.49 -7.89 2.38
N TRP B 41 8.25 -8.96 2.36
CA TRP B 41 7.70 -10.34 2.39
C TRP B 41 7.76 -10.95 3.77
N LYS B 42 6.68 -11.57 4.22
CA LYS B 42 6.85 -12.60 5.27
C LYS B 42 7.50 -13.79 4.55
N ALA B 43 8.49 -14.36 5.21
CA ALA B 43 9.23 -15.46 4.67
C ALA B 43 9.59 -16.43 5.79
N GLN B 44 10.02 -17.64 5.41
CA GLN B 44 10.46 -18.61 6.35
C GLN B 44 11.90 -18.89 6.04
N LEU B 45 12.75 -18.72 7.04
CA LEU B 45 14.19 -18.98 6.92
C LEU B 45 14.51 -20.06 7.94
N LEU B 46 14.91 -21.23 7.46
CA LEU B 46 15.02 -22.39 8.30
C LEU B 46 13.64 -22.57 8.94
N ASN B 47 13.52 -22.55 10.27
CA ASN B 47 12.23 -22.83 10.92
C ASN B 47 11.68 -21.64 11.66
N GLU B 48 12.11 -20.46 11.24
CA GLU B 48 11.57 -19.22 11.72
C GLU B 48 11.01 -18.32 10.61
N TYR B 49 10.02 -17.54 10.99
CA TYR B 49 9.54 -16.53 10.12
C TYR B 49 10.44 -15.32 10.23
N VAL B 50 10.67 -14.65 9.10
CA VAL B 50 11.45 -13.41 9.05
C VAL B 50 10.81 -12.51 8.01
N ALA B 51 11.20 -11.23 8.03
CA ALA B 51 10.74 -10.30 7.03
C ALA B 51 11.87 -10.04 6.02
N VAL B 52 11.58 -10.22 4.73
CA VAL B 52 12.59 -9.95 3.65
C VAL B 52 12.11 -8.70 2.91
N LYS B 53 12.83 -7.61 3.09
CA LYS B 53 12.57 -6.36 2.42
C LYS B 53 13.36 -6.42 1.13
N ILE B 54 12.66 -6.26 0.02
CA ILE B 54 13.29 -6.31 -1.31
C ILE B 54 13.12 -4.95 -1.97
N PHE B 55 14.24 -4.33 -2.29
CA PHE B 55 14.27 -2.95 -2.77
C PHE B 55 14.54 -2.92 -4.27
N PRO B 56 13.79 -2.07 -5.03
CA PRO B 56 14.14 -1.87 -6.45
C PRO B 56 15.39 -1.02 -6.56
N ILE B 57 16.09 -1.12 -7.68
CA ILE B 57 17.37 -0.44 -7.88
C ILE B 57 17.24 1.05 -7.64
N GLN B 58 16.08 1.62 -7.93
CA GLN B 58 15.96 3.05 -7.78
C GLN B 58 15.93 3.41 -6.31
N ASP B 59 15.59 2.46 -5.44
CA ASP B 59 15.60 2.71 -4.00
C ASP B 59 16.90 2.21 -3.38
N LYS B 60 17.97 2.09 -4.17
CA LYS B 60 19.20 1.54 -3.65
C LYS B 60 19.63 2.36 -2.45
N GLN B 61 19.40 3.67 -2.50
CA GLN B 61 19.83 4.55 -1.43
C GLN B 61 19.20 4.22 -0.08
N SER B 62 17.94 3.79 -0.08
CA SER B 62 17.24 3.46 1.17
C SER B 62 17.76 2.15 1.73
N TRP B 63 18.02 1.21 0.84
CA TRP B 63 18.65 -0.06 1.20
C TRP B 63 19.99 0.21 1.82
N GLN B 64 20.82 0.99 1.14
CA GLN B 64 22.16 1.24 1.64
C GLN B 64 22.10 2.00 2.99
N ASN B 65 21.19 2.97 3.06
CA ASN B 65 21.08 3.76 4.27
C ASN B 65 20.72 2.92 5.46
N GLU B 66 19.72 2.05 5.29
CA GLU B 66 19.24 1.22 6.39
C GLU B 66 20.31 0.20 6.79
N TYR B 67 20.96 -0.38 5.79
CA TYR B 67 22.08 -1.29 6.04
C TYR B 67 23.16 -0.57 6.83
N GLU B 68 23.43 0.68 6.47
CA GLU B 68 24.47 1.46 7.17
C GLU B 68 24.04 1.74 8.61
N VAL B 69 22.78 2.08 8.80
CA VAL B 69 22.28 2.37 10.16
C VAL B 69 22.43 1.15 11.04
N TYR B 70 22.00 -0.01 10.55
CA TYR B 70 22.13 -1.22 11.30
C TYR B 70 23.60 -1.67 11.49
N SER B 71 24.53 -1.10 10.71
CA SER B 71 25.93 -1.40 10.84
C SER B 71 26.62 -0.50 11.86
N LEU B 72 25.93 0.52 12.39
CA LEU B 72 26.51 1.42 13.35
C LEU B 72 26.68 0.65 14.64
N PRO B 73 27.63 1.09 15.47
CA PRO B 73 27.84 0.48 16.77
C PRO B 73 26.59 0.45 17.62
N GLY B 74 26.41 -0.67 18.33
CA GLY B 74 25.39 -0.76 19.38
C GLY B 74 23.97 -0.91 18.84
N MET B 75 23.83 -1.29 17.58
CA MET B 75 22.46 -1.30 16.99
C MET B 75 21.78 -2.67 17.11
N LYS B 76 21.73 -3.17 18.34
CA LYS B 76 20.93 -4.33 18.76
C LYS B 76 20.29 -3.94 20.09
N HIS B 77 18.98 -4.03 20.16
CA HIS B 77 18.24 -3.50 21.31
C HIS B 77 16.85 -4.11 21.22
N GLU B 78 16.25 -4.38 22.38
CA GLU B 78 14.92 -4.96 22.48
CA GLU B 78 14.94 -5.01 22.40
C GLU B 78 13.87 -4.16 21.73
N ASN B 79 14.07 -2.83 21.71
CA ASN B 79 13.11 -1.90 21.11
C ASN B 79 13.56 -1.28 19.78
N ILE B 80 14.48 -1.95 19.13
CA ILE B 80 14.86 -1.69 17.73
C ILE B 80 14.65 -2.98 16.96
N LEU B 81 13.91 -2.89 15.87
CA LEU B 81 13.60 -4.09 15.07
C LEU B 81 14.87 -4.82 14.71
N GLN B 82 14.91 -6.10 15.04
CA GLN B 82 16.12 -6.89 14.88
C GLN B 82 16.60 -7.10 13.44
N PHE B 83 17.80 -6.60 13.15
CA PHE B 83 18.47 -6.85 11.90
C PHE B 83 18.97 -8.28 11.86
N ILE B 84 18.73 -8.95 10.73
CA ILE B 84 19.21 -10.33 10.47
C ILE B 84 20.30 -10.40 9.42
N GLY B 85 20.19 -9.65 8.34
CA GLY B 85 21.26 -9.61 7.36
C GLY B 85 20.83 -8.85 6.15
N ALA B 86 21.78 -8.52 5.29
CA ALA B 86 21.49 -7.79 4.09
C ALA B 86 22.39 -8.31 2.97
N GLU B 87 21.94 -8.24 1.73
CA GLU B 87 22.70 -8.82 0.61
C GLU B 87 22.32 -8.22 -0.71
N LYS B 88 23.33 -7.94 -1.52
CA LYS B 88 23.16 -7.58 -2.91
C LYS B 88 23.32 -8.92 -3.66
N ARG B 89 22.25 -9.31 -4.35
CA ARG B 89 22.11 -10.62 -5.02
C ARG B 89 21.70 -10.42 -6.47
N GLY B 90 21.66 -11.53 -7.20
CA GLY B 90 21.33 -11.56 -8.63
C GLY B 90 22.49 -11.21 -9.52
N THR B 91 22.29 -10.31 -10.48
CA THR B 91 23.38 -9.81 -11.30
C THR B 91 23.33 -8.31 -11.33
N SER B 92 24.38 -7.71 -11.87
CA SER B 92 24.45 -6.27 -11.96
C SER B 92 23.45 -5.69 -12.96
N VAL B 93 22.87 -6.52 -13.81
CA VAL B 93 21.83 -6.02 -14.68
C VAL B 93 20.50 -6.07 -13.95
N ASP B 94 20.24 -7.16 -13.23
CA ASP B 94 18.99 -7.32 -12.42
C ASP B 94 19.38 -7.54 -10.97
N VAL B 95 19.60 -6.43 -10.27
CA VAL B 95 20.16 -6.45 -8.93
C VAL B 95 19.05 -6.68 -7.93
N ASP B 96 19.17 -7.70 -7.09
CA ASP B 96 18.26 -7.89 -6.00
C ASP B 96 18.90 -7.35 -4.74
N LEU B 97 18.21 -6.40 -4.12
CA LEU B 97 18.64 -5.82 -2.85
C LEU B 97 17.72 -6.29 -1.73
N TRP B 98 18.25 -7.18 -0.89
CA TRP B 98 17.52 -7.75 0.23
C TRP B 98 18.03 -7.19 1.56
N LEU B 99 17.09 -6.97 2.49
CA LEU B 99 17.43 -6.66 3.87
C LEU B 99 16.41 -7.41 4.74
N ILE B 100 16.90 -8.29 5.59
CA ILE B 100 16.09 -9.23 6.30
C ILE B 100 16.09 -8.82 7.75
N THR B 101 14.88 -8.73 8.32
CA THR B 101 14.68 -8.44 9.75
C THR B 101 13.83 -9.49 10.39
N ALA B 102 13.65 -9.40 11.72
CA ALA B 102 12.71 -10.24 12.42
C ALA B 102 11.30 -9.96 11.91
N PHE B 103 10.46 -10.96 12.03
CA PHE B 103 9.06 -10.85 11.69
C PHE B 103 8.25 -10.93 12.96
N HIS B 104 7.34 -9.96 13.12
CA HIS B 104 6.44 -9.89 14.25
C HIS B 104 5.00 -10.06 13.76
N GLU B 105 4.35 -11.09 14.26
CA GLU B 105 3.03 -11.49 13.75
C GLU B 105 1.96 -10.45 14.09
N LYS B 106 2.12 -9.71 15.20
CA LYS B 106 1.16 -8.66 15.52
C LYS B 106 1.27 -7.48 14.57
N GLY B 107 2.39 -7.36 13.84
CA GLY B 107 2.47 -6.31 12.83
C GLY B 107 2.77 -4.96 13.44
N SER B 108 2.39 -3.90 12.72
CA SER B 108 2.64 -2.52 13.16
C SER B 108 1.64 -2.11 14.20
N LEU B 109 2.00 -1.07 14.92
CA LEU B 109 1.07 -0.53 15.89
C LEU B 109 -0.18 -0.02 15.17
N SER B 110 0.03 0.55 14.00
CA SER B 110 -1.10 0.93 13.15
C SER B 110 -2.06 -0.22 12.84
N ASP B 111 -1.51 -1.34 12.35
CA ASP B 111 -2.25 -2.58 12.10
C ASP B 111 -3.02 -2.97 13.37
N PHE B 112 -2.30 -2.98 14.48
CA PHE B 112 -2.83 -3.48 15.74
C PHE B 112 -3.98 -2.60 16.20
N LEU B 113 -3.79 -1.29 16.18
CA LEU B 113 -4.82 -0.39 16.72
C LEU B 113 -6.05 -0.32 15.83
N LYS B 114 -5.89 -0.61 14.55
CA LYS B 114 -7.04 -0.72 13.67
C LYS B 114 -8.03 -1.80 14.12
N ALA B 115 -7.51 -2.94 14.53
CA ALA B 115 -8.32 -4.10 14.85
C ALA B 115 -8.52 -4.30 16.35
N ASN B 116 -7.85 -3.52 17.20
CA ASN B 116 -7.82 -3.82 18.65
C ASN B 116 -7.80 -2.51 19.45
N VAL B 117 -8.23 -2.57 20.70
CA VAL B 117 -8.06 -1.47 21.64
C VAL B 117 -7.06 -1.92 22.71
N VAL B 118 -6.62 -0.97 23.50
CA VAL B 118 -5.67 -1.22 24.54
C VAL B 118 -6.20 -0.71 25.89
N SER B 119 -6.00 -1.51 26.94
CA SER B 119 -6.21 -1.03 28.31
C SER B 119 -5.18 0.07 28.67
N TRP B 120 -5.44 0.79 29.76
CA TRP B 120 -4.45 1.71 30.32
C TRP B 120 -3.06 1.08 30.47
N ASN B 121 -2.98 -0.10 31.06
CA ASN B 121 -1.67 -0.67 31.30
C ASN B 121 -1.00 -1.21 30.04
N GLU B 122 -1.80 -1.67 29.05
CA GLU B 122 -1.25 -2.06 27.76
C GLU B 122 -0.68 -0.84 27.05
N LEU B 123 -1.42 0.25 27.07
CA LEU B 123 -0.96 1.50 26.51
C LEU B 123 0.34 1.91 27.12
N CYS B 124 0.42 1.95 28.45
CA CYS B 124 1.66 2.33 29.10
C CYS B 124 2.83 1.45 28.66
N HIS B 125 2.60 0.13 28.54
CA HIS B 125 3.66 -0.77 28.09
C HIS B 125 4.12 -0.47 26.63
N ILE B 126 3.18 -0.29 25.71
CA ILE B 126 3.54 0.04 24.34
C ILE B 126 4.26 1.41 24.27
N ALA B 127 3.76 2.37 25.00
CA ALA B 127 4.33 3.71 24.97
C ALA B 127 5.73 3.76 25.56
N GLU B 128 5.90 3.08 26.68
CA GLU B 128 7.23 3.10 27.34
C GLU B 128 8.24 2.41 26.48
N THR B 129 7.90 1.25 25.90
CA THR B 129 8.85 0.51 25.08
C THR B 129 9.17 1.23 23.76
N MET B 130 8.20 1.88 23.19
CA MET B 130 8.42 2.70 22.02
C MET B 130 9.32 3.87 22.38
N ALA B 131 9.02 4.58 23.46
CA ALA B 131 9.84 5.69 23.89
C ALA B 131 11.32 5.25 24.14
N ARG B 132 11.49 4.10 24.76
CA ARG B 132 12.77 3.54 25.03
C ARG B 132 13.56 3.31 23.74
N GLY B 133 12.92 2.71 22.75
CA GLY B 133 13.56 2.44 21.47
C GLY B 133 13.97 3.73 20.78
N LEU B 134 13.07 4.70 20.76
CA LEU B 134 13.40 5.99 20.16
C LEU B 134 14.50 6.75 20.94
N ALA B 135 14.44 6.74 22.26
CA ALA B 135 15.49 7.39 23.06
C ALA B 135 16.85 6.77 22.79
N TYR B 136 16.89 5.45 22.62
CA TYR B 136 18.12 4.79 22.32
C TYR B 136 18.64 5.18 20.94
N LEU B 137 17.75 5.18 19.97
CA LEU B 137 18.10 5.58 18.64
C LEU B 137 18.70 7.02 18.66
N HIS B 138 18.12 7.89 19.48
CA HIS B 138 18.54 9.30 19.58
C HIS B 138 19.81 9.51 20.43
N GLU B 139 20.22 8.47 21.18
CA GLU B 139 21.29 8.65 22.14
CA GLU B 139 21.29 8.62 22.15
C GLU B 139 22.67 8.41 21.52
N ASP B 140 23.58 9.33 21.83
CA ASP B 140 24.99 9.21 21.50
C ASP B 140 25.62 8.40 22.64
N ILE B 141 26.21 7.27 22.26
CA ILE B 141 26.71 6.29 23.23
C ILE B 141 28.14 5.95 22.88
N PRO B 142 29.09 6.69 23.46
CA PRO B 142 30.46 6.23 23.33
C PRO B 142 30.78 5.02 24.20
N GLY B 143 31.86 4.33 23.86
CA GLY B 143 32.44 3.33 24.75
C GLY B 143 31.92 1.92 24.56
N LEU B 144 31.32 1.66 23.41
CA LEU B 144 30.82 0.33 23.12
C LEU B 144 31.98 -0.49 22.62
N LYS B 145 31.89 -1.80 22.82
CA LYS B 145 32.85 -2.72 22.25
C LYS B 145 33.06 -2.51 20.76
N ASP B 146 31.98 -2.27 20.02
CA ASP B 146 32.06 -2.10 18.56
C ASP B 146 32.27 -0.62 18.15
N GLY B 147 32.56 0.26 19.09
CA GLY B 147 32.77 1.67 18.76
C GLY B 147 31.84 2.66 19.43
N HIS B 148 31.58 3.75 18.73
CA HIS B 148 30.88 4.91 19.30
C HIS B 148 29.56 5.04 18.57
N LYS B 149 28.45 4.76 19.22
CA LYS B 149 27.14 4.93 18.53
C LYS B 149 26.77 6.38 18.43
N PRO B 150 26.54 6.89 17.20
CA PRO B 150 26.09 8.28 17.14
C PRO B 150 24.60 8.40 17.43
N ALA B 151 24.16 9.57 17.85
CA ALA B 151 22.74 9.91 17.80
C ALA B 151 22.19 9.71 16.36
N ILE B 152 21.02 9.12 16.25
CA ILE B 152 20.39 8.87 14.94
C ILE B 152 18.96 9.45 14.95
N SER B 153 18.63 10.31 13.98
CA SER B 153 17.28 10.73 13.73
C SER B 153 16.62 9.69 12.81
N HIS B 154 15.36 9.41 13.06
CA HIS B 154 14.63 8.43 12.29
C HIS B 154 14.01 9.05 11.03
N ARG B 155 13.34 10.19 11.20
CA ARG B 155 12.83 11.03 10.10
C ARG B 155 11.51 10.56 9.45
N ASP B 156 10.95 9.44 9.93
CA ASP B 156 9.61 9.02 9.53
C ASP B 156 8.91 8.27 10.64
N ILE B 157 8.89 8.84 11.84
CA ILE B 157 8.25 8.22 12.98
C ILE B 157 6.72 8.25 12.75
N LYS B 158 6.10 7.08 12.89
CA LYS B 158 4.67 6.92 12.71
C LYS B 158 4.30 5.56 13.20
N SER B 159 3.02 5.31 13.37
CA SER B 159 2.57 4.08 13.97
C SER B 159 2.83 2.88 13.08
N LYS B 160 2.92 3.11 11.77
CA LYS B 160 3.32 2.05 10.83
C LYS B 160 4.77 1.61 11.03
N ASN B 161 5.58 2.45 11.65
CA ASN B 161 7.00 2.13 11.84
C ASN B 161 7.35 1.75 13.27
N VAL B 162 6.32 1.36 14.02
CA VAL B 162 6.44 0.75 15.34
C VAL B 162 5.79 -0.61 15.25
N LEU B 163 6.58 -1.65 15.50
CA LEU B 163 6.11 -3.03 15.41
C LEU B 163 5.94 -3.57 16.83
N LEU B 164 4.95 -4.44 16.99
CA LEU B 164 4.66 -5.00 18.27
C LEU B 164 4.99 -6.47 18.34
N LYS B 165 5.69 -6.83 19.40
CA LYS B 165 6.04 -8.21 19.72
C LYS B 165 4.83 -8.85 20.39
N ASN B 166 4.91 -10.14 20.67
CA ASN B 166 3.71 -10.88 21.10
C ASN B 166 3.18 -10.37 22.41
N ASN B 167 4.05 -9.87 23.27
CA ASN B 167 3.58 -9.29 24.54
C ASN B 167 3.36 -7.79 24.47
N LEU B 168 3.22 -7.25 23.25
CA LEU B 168 2.98 -5.82 22.99
C LEU B 168 4.21 -4.92 23.26
N THR B 169 5.38 -5.49 23.47
CA THR B 169 6.62 -4.70 23.47
C THR B 169 6.83 -4.13 22.06
N ALA B 170 6.98 -2.81 21.99
CA ALA B 170 7.21 -2.05 20.77
C ALA B 170 8.67 -2.04 20.36
N CYS B 171 8.90 -2.04 19.06
CA CYS B 171 10.21 -1.76 18.54
C CYS B 171 10.13 -0.79 17.35
N ILE B 172 11.14 0.05 17.23
CA ILE B 172 11.20 1.00 16.11
C ILE B 172 11.71 0.33 14.85
N ALA B 173 11.05 0.58 13.74
CA ALA B 173 11.42 -0.03 12.47
C ALA B 173 11.68 1.04 11.36
N ASP B 174 12.38 0.59 10.34
CA ASP B 174 12.54 1.27 9.07
C ASP B 174 13.49 2.46 9.16
N PHE B 175 14.76 2.19 8.87
CA PHE B 175 15.81 3.20 8.92
C PHE B 175 16.22 3.64 7.51
N GLY B 176 15.31 3.51 6.53
CA GLY B 176 15.58 3.95 5.14
C GLY B 176 15.87 5.46 5.05
N LEU B 177 15.34 6.25 5.99
CA LEU B 177 15.51 7.69 5.95
C LEU B 177 16.34 8.22 7.09
N ALA B 178 16.79 7.36 7.99
CA ALA B 178 17.47 7.82 9.19
C ALA B 178 18.78 8.49 8.89
N LEU B 179 19.14 9.46 9.72
CA LEU B 179 20.33 10.25 9.52
C LEU B 179 21.04 10.37 10.87
N LYS B 180 22.25 9.85 10.94
CA LYS B 180 23.11 9.97 12.11
C LYS B 180 23.69 11.37 12.25
N PHE B 181 23.94 11.78 13.50
CA PHE B 181 24.70 12.96 13.84
C PHE B 181 25.91 12.63 14.72
N GLU B 182 27.08 12.90 14.22
CA GLU B 182 28.32 12.62 14.95
C GLU B 182 28.72 13.68 15.98
N ALA B 183 28.15 14.89 15.86
CA ALA B 183 28.34 15.94 16.85
C ALA B 183 27.07 16.82 16.95
N GLY B 184 27.08 17.72 17.94
CA GLY B 184 25.99 18.67 18.20
C GLY B 184 26.10 20.04 17.53
N LYS B 185 27.20 20.29 16.82
CA LYS B 185 27.40 21.58 16.11
C LYS B 185 26.37 21.73 14.97
N SER B 186 25.89 22.95 14.73
CA SER B 186 24.98 23.22 13.60
C SER B 186 25.73 23.19 12.23
N ALA B 187 25.04 22.78 11.15
CA ALA B 187 25.61 22.78 9.78
C ALA B 187 24.76 23.57 8.77
N THR B 190 18.53 23.62 6.35
CA THR B 190 18.06 22.72 5.30
C THR B 190 16.51 22.65 5.18
N HIS B 191 16.06 22.02 4.09
CA HIS B 191 14.64 21.70 3.84
C HIS B 191 14.45 20.20 4.08
N GLY B 192 13.62 19.86 5.05
CA GLY B 192 13.56 18.50 5.55
C GLY B 192 12.26 17.75 5.35
N GLN B 193 11.67 17.86 4.17
CA GLN B 193 10.35 17.20 3.90
C GLN B 193 10.41 15.77 3.32
N VAL B 194 11.14 14.88 4.00
CA VAL B 194 11.34 13.51 3.53
C VAL B 194 10.32 12.51 4.15
N GLY B 195 9.72 12.87 5.29
CA GLY B 195 8.89 11.97 6.04
C GLY B 195 7.48 11.91 5.52
N THR B 196 6.61 11.28 6.30
CA THR B 196 5.16 11.21 6.03
C THR B 196 4.49 12.52 6.41
N ARG B 197 3.73 13.06 5.46
CA ARG B 197 3.26 14.44 5.59
C ARG B 197 2.37 14.74 6.80
N ARG B 198 1.48 13.81 7.15
CA ARG B 198 0.58 14.11 8.29
C ARG B 198 1.31 14.16 9.62
N TYR B 199 2.49 13.55 9.68
CA TYR B 199 3.27 13.56 10.92
C TYR B 199 4.34 14.65 10.96
N MET B 200 4.42 15.45 9.91
CA MET B 200 5.45 16.50 9.83
C MET B 200 5.23 17.67 10.80
N ALA B 201 6.28 18.01 11.55
CA ALA B 201 6.23 19.14 12.48
C ALA B 201 5.99 20.44 11.71
N PRO B 202 5.43 21.47 12.36
CA PRO B 202 5.18 22.75 11.70
C PRO B 202 6.41 23.30 10.98
N GLU B 203 7.58 23.27 11.61
CA GLU B 203 8.76 23.83 10.98
C GLU B 203 9.17 23.06 9.74
N VAL B 204 8.83 21.76 9.70
CA VAL B 204 9.09 20.96 8.50
C VAL B 204 8.11 21.35 7.38
N LEU B 205 6.85 21.51 7.76
CA LEU B 205 5.83 21.93 6.81
C LEU B 205 6.10 23.32 6.25
N GLU B 206 6.69 24.19 7.05
CA GLU B 206 6.95 25.56 6.63
CA GLU B 206 6.97 25.57 6.66
C GLU B 206 8.18 25.65 5.75
N GLY B 207 8.93 24.55 5.69
CA GLY B 207 10.03 24.40 4.74
C GLY B 207 11.41 24.90 5.13
N ALA B 208 11.66 25.17 6.40
CA ALA B 208 12.90 25.82 6.74
C ALA B 208 13.41 25.36 8.09
N ILE B 209 14.43 24.49 8.13
CA ILE B 209 14.94 23.97 9.43
C ILE B 209 16.48 23.99 9.59
N ASN B 210 16.91 23.92 10.85
CA ASN B 210 18.32 23.84 11.23
C ASN B 210 18.86 22.42 10.92
N PHE B 211 20.03 22.32 10.26
CA PHE B 211 20.70 21.02 10.03
C PHE B 211 21.59 20.77 11.24
N GLN B 212 20.94 20.45 12.32
CA GLN B 212 21.54 20.32 13.64
C GLN B 212 20.82 19.19 14.33
N ARG B 213 21.55 18.42 15.12
CA ARG B 213 21.04 17.21 15.72
C ARG B 213 19.70 17.45 16.41
N ASP B 214 19.66 18.40 17.33
CA ASP B 214 18.49 18.63 18.14
C ASP B 214 17.29 19.07 17.34
N ALA B 215 17.50 19.84 16.28
CA ALA B 215 16.37 20.16 15.40
C ALA B 215 15.71 18.89 14.86
N PHE B 216 16.53 17.94 14.39
CA PHE B 216 16.02 16.68 13.83
C PHE B 216 15.35 15.81 14.88
N LEU B 217 15.92 15.76 16.09
CA LEU B 217 15.31 14.99 17.18
C LEU B 217 13.97 15.52 17.60
N ARG B 218 13.84 16.86 17.66
CA ARG B 218 12.58 17.53 17.97
C ARG B 218 11.50 17.28 16.93
N ILE B 219 11.89 17.07 15.68
CA ILE B 219 11.00 16.67 14.62
C ILE B 219 10.44 15.24 14.82
N ASP B 220 11.30 14.31 15.21
CA ASP B 220 10.87 12.97 15.57
C ASP B 220 9.94 13.02 16.76
N MET B 221 10.23 13.90 17.71
CA MET B 221 9.39 13.93 18.92
C MET B 221 8.00 14.47 18.71
N TYR B 222 7.87 15.40 17.77
CA TYR B 222 6.58 15.85 17.37
C TYR B 222 5.74 14.71 16.83
N ALA B 223 6.36 13.92 15.93
CA ALA B 223 5.69 12.75 15.32
C ALA B 223 5.32 11.74 16.40
N MET B 224 6.25 11.55 17.31
CA MET B 224 5.95 10.66 18.41
C MET B 224 4.74 11.10 19.25
N GLY B 225 4.62 12.41 19.49
CA GLY B 225 3.41 12.97 20.09
C GLY B 225 2.14 12.48 19.41
N LEU B 226 2.15 12.47 18.07
CA LEU B 226 0.98 12.00 17.33
C LEU B 226 0.72 10.51 17.51
N VAL B 227 1.78 9.72 17.63
CA VAL B 227 1.63 8.27 17.81
C VAL B 227 1.07 8.01 19.20
N LEU B 228 1.56 8.75 20.20
CA LEU B 228 0.98 8.67 21.53
C LEU B 228 -0.52 9.03 21.51
N TRP B 229 -0.90 10.02 20.69
CA TRP B 229 -2.33 10.34 20.54
C TRP B 229 -3.06 9.14 19.92
N GLU B 230 -2.47 8.49 18.91
CA GLU B 230 -3.11 7.29 18.33
C GLU B 230 -3.42 6.23 19.41
N LEU B 231 -2.45 5.97 20.27
CA LEU B 231 -2.69 5.08 21.43
C LEU B 231 -3.81 5.55 22.35
N ALA B 232 -3.80 6.82 22.75
CA ALA B 232 -4.83 7.37 23.62
C ALA B 232 -6.20 7.19 22.99
N SER B 233 -6.26 7.39 21.67
CA SER B 233 -7.48 7.30 20.91
C SER B 233 -8.11 5.93 20.86
N ARG B 234 -7.33 4.88 21.16
CA ARG B 234 -7.86 3.51 21.17
C ARG B 234 -7.68 2.88 22.55
N CYS B 235 -7.67 3.70 23.59
CA CYS B 235 -7.49 3.21 24.94
C CYS B 235 -8.81 3.19 25.74
N THR B 236 -8.98 2.14 26.53
CA THR B 236 -10.26 1.89 27.26
C THR B 236 -10.18 2.35 28.70
N ALA B 237 -9.12 3.09 29.04
CA ALA B 237 -8.95 3.61 30.40
C ALA B 237 -10.20 4.37 30.84
N ALA B 238 -10.61 4.15 32.07
CA ALA B 238 -11.84 4.81 32.55
C ALA B 238 -13.10 4.46 31.77
N ASP B 239 -13.01 3.57 30.79
CA ASP B 239 -14.20 2.95 30.21
C ASP B 239 -15.16 3.88 29.49
N GLY B 240 -14.61 4.72 28.64
CA GLY B 240 -15.48 5.55 27.84
C GLY B 240 -15.69 4.97 26.46
N PRO B 241 -16.36 5.74 25.62
CA PRO B 241 -16.50 5.41 24.24
C PRO B 241 -15.13 5.44 23.53
N VAL B 242 -14.94 4.48 22.65
CA VAL B 242 -13.75 4.40 21.82
C VAL B 242 -14.19 4.29 20.38
N ASP B 243 -13.78 5.26 19.59
CA ASP B 243 -14.11 5.27 18.18
C ASP B 243 -13.17 4.37 17.40
N GLU B 244 -13.60 4.12 16.18
CA GLU B 244 -12.81 3.47 15.21
C GLU B 244 -11.49 4.22 14.96
N TYR B 245 -10.47 3.43 14.70
CA TYR B 245 -9.12 3.94 14.49
C TYR B 245 -9.12 4.95 13.36
N MET B 246 -8.56 6.12 13.64
CA MET B 246 -8.23 7.10 12.61
C MET B 246 -6.77 7.57 12.70
N LEU B 247 -6.17 7.86 11.56
CA LEU B 247 -4.86 8.51 11.56
C LEU B 247 -4.91 9.90 12.17
N PRO B 248 -3.75 10.37 12.67
CA PRO B 248 -3.71 11.73 13.14
C PRO B 248 -4.12 12.70 12.00
N PHE B 249 -4.99 13.67 12.30
CA PHE B 249 -5.50 14.63 11.29
C PHE B 249 -6.45 14.10 10.23
N GLU B 250 -6.73 12.80 10.25
CA GLU B 250 -7.65 12.23 9.30
C GLU B 250 -9.06 12.82 9.43
N GLU B 251 -9.49 13.07 10.66
CA GLU B 251 -10.77 13.75 10.89
C GLU B 251 -10.81 15.12 10.22
N GLU B 252 -9.75 15.89 10.41
CA GLU B 252 -9.65 17.28 9.90
C GLU B 252 -9.40 17.34 8.39
N ILE B 253 -8.43 16.58 7.88
CA ILE B 253 -7.99 16.72 6.49
C ILE B 253 -7.96 15.44 5.69
N GLY B 254 -8.52 14.37 6.23
CA GLY B 254 -8.67 13.18 5.43
C GLY B 254 -7.47 12.27 5.34
N GLN B 255 -7.55 11.36 4.39
CA GLN B 255 -6.58 10.32 4.23
C GLN B 255 -5.37 10.67 3.37
N HIS B 256 -5.51 11.67 2.53
CA HIS B 256 -4.46 11.98 1.58
C HIS B 256 -4.24 13.50 1.50
N PRO B 257 -3.82 14.12 2.58
CA PRO B 257 -3.76 15.59 2.62
C PRO B 257 -2.70 16.12 1.68
N SER B 258 -2.93 17.30 1.10
CA SER B 258 -1.83 18.02 0.43
C SER B 258 -0.96 18.69 1.49
N LEU B 259 0.25 19.09 1.09
CA LEU B 259 1.11 19.95 1.92
C LEU B 259 0.37 21.21 2.40
N GLU B 260 -0.38 21.82 1.51
CA GLU B 260 -1.11 23.03 1.81
C GLU B 260 -2.23 22.76 2.82
N ASP B 261 -2.85 21.59 2.74
CA ASP B 261 -3.84 21.17 3.74
C ASP B 261 -3.18 21.05 5.12
N MET B 262 -2.03 20.40 5.19
CA MET B 262 -1.30 20.24 6.45
C MET B 262 -0.84 21.58 7.01
N GLN B 263 -0.26 22.43 6.18
CA GLN B 263 0.12 23.79 6.61
C GLN B 263 -1.08 24.51 7.17
N GLU B 264 -2.22 24.39 6.53
CA GLU B 264 -3.38 25.14 7.00
C GLU B 264 -3.78 24.66 8.41
N VAL B 265 -3.86 23.34 8.60
CA VAL B 265 -4.35 22.84 9.90
C VAL B 265 -3.29 22.96 10.98
N VAL B 266 -2.07 22.55 10.66
CA VAL B 266 -1.02 22.42 11.68
C VAL B 266 -0.35 23.77 11.95
N VAL B 267 -0.03 24.52 10.89
CA VAL B 267 0.76 25.76 11.04
C VAL B 267 -0.14 26.97 11.32
N HIS B 268 -1.09 27.24 10.41
CA HIS B 268 -1.84 28.48 10.47
C HIS B 268 -2.88 28.43 11.58
N LYS B 269 -3.49 27.27 11.80
CA LYS B 269 -4.52 27.16 12.81
C LYS B 269 -3.97 26.54 14.09
N LYS B 270 -2.71 26.10 14.06
CA LYS B 270 -2.12 25.39 15.19
C LYS B 270 -3.03 24.36 15.82
N LYS B 271 -3.70 23.57 14.98
CA LYS B 271 -4.59 22.54 15.46
C LYS B 271 -3.82 21.24 15.61
N ARG B 272 -4.35 20.37 16.44
CA ARG B 272 -3.75 19.08 16.72
C ARG B 272 -4.91 18.14 16.90
N PRO B 273 -4.67 16.84 16.84
CA PRO B 273 -5.79 15.93 17.07
C PRO B 273 -6.46 16.13 18.45
N VAL B 274 -7.77 15.90 18.51
CA VAL B 274 -8.57 16.21 19.66
C VAL B 274 -8.23 15.32 20.84
N LEU B 275 -7.94 15.96 21.96
CA LEU B 275 -7.81 15.29 23.22
C LEU B 275 -9.18 15.36 23.89
N ARG B 276 -9.82 14.20 24.05
CA ARG B 276 -11.19 14.19 24.51
C ARG B 276 -11.35 14.62 25.96
N ASP B 277 -12.47 15.31 26.24
CA ASP B 277 -12.70 15.81 27.60
C ASP B 277 -12.72 14.70 28.59
N TYR B 278 -13.39 13.61 28.26
CA TYR B 278 -13.58 12.56 29.25
C TYR B 278 -12.27 11.91 29.64
N TRP B 279 -11.23 12.02 28.80
CA TRP B 279 -9.88 11.51 29.13
C TRP B 279 -9.32 12.23 30.32
N GLN B 280 -9.68 13.50 30.47
CA GLN B 280 -9.21 14.30 31.62
C GLN B 280 -9.72 13.77 32.98
N LYS B 281 -10.75 12.93 32.99
CA LYS B 281 -11.30 12.34 34.23
C LYS B 281 -10.50 11.14 34.74
N HIS B 282 -9.56 10.65 33.96
CA HIS B 282 -8.72 9.54 34.38
C HIS B 282 -7.32 10.13 34.57
N ALA B 283 -6.73 9.92 35.74
CA ALA B 283 -5.47 10.59 36.10
C ALA B 283 -4.28 10.24 35.21
N GLY B 284 -4.16 8.97 34.81
CA GLY B 284 -3.08 8.56 33.88
C GLY B 284 -3.26 9.18 32.53
N MET B 285 -4.47 9.06 31.99
CA MET B 285 -4.81 9.69 30.72
C MET B 285 -4.59 11.20 30.71
N ALA B 286 -4.90 11.88 31.81
CA ALA B 286 -4.73 13.32 31.88
C ALA B 286 -3.23 13.63 31.83
N MET B 287 -2.42 12.85 32.52
CA MET B 287 -0.96 13.02 32.45
C MET B 287 -0.46 12.72 31.04
N LEU B 288 -1.02 11.69 30.44
CA LEU B 288 -0.64 11.32 29.07
C LEU B 288 -0.90 12.49 28.14
N CYS B 289 -2.11 13.05 28.23
CA CYS B 289 -2.50 14.21 27.43
C CYS B 289 -1.54 15.40 27.59
N GLU B 290 -1.14 15.73 28.84
CA GLU B 290 -0.15 16.81 29.03
C GLU B 290 1.17 16.48 28.32
N THR B 291 1.60 15.23 28.39
CA THR B 291 2.83 14.82 27.74
C THR B 291 2.73 14.91 26.25
N ILE B 292 1.58 14.51 25.69
CA ILE B 292 1.32 14.59 24.28
C ILE B 292 1.44 16.06 23.82
N GLU B 293 0.77 16.96 24.54
CA GLU B 293 0.85 18.38 24.25
C GLU B 293 2.28 18.95 24.25
N GLU B 294 3.13 18.48 25.13
CA GLU B 294 4.51 18.96 25.10
C GLU B 294 5.27 18.41 23.90
N CYS B 295 4.94 17.19 23.46
CA CYS B 295 5.62 16.62 22.29
C CYS B 295 5.26 17.34 21.03
N TRP B 296 3.99 17.71 20.88
CA TRP B 296 3.54 18.32 19.64
C TRP B 296 3.50 19.86 19.62
N ASP B 297 4.12 20.49 20.62
CA ASP B 297 4.21 21.95 20.70
C ASP B 297 4.71 22.56 19.40
N HIS B 298 4.06 23.64 18.97
CA HIS B 298 4.54 24.40 17.84
C HIS B 298 6.04 24.78 17.98
N ASP B 299 6.44 25.14 19.18
CA ASP B 299 7.81 25.51 19.51
C ASP B 299 8.67 24.27 19.74
N ALA B 300 9.52 23.97 18.77
CA ALA B 300 10.35 22.78 18.79
C ALA B 300 11.15 22.70 20.08
N GLU B 301 11.64 23.84 20.56
CA GLU B 301 12.50 23.84 21.74
C GLU B 301 11.72 23.51 23.00
N ALA B 302 10.40 23.67 22.97
CA ALA B 302 9.54 23.26 24.09
C ALA B 302 9.21 21.76 24.11
N ARG B 303 9.54 21.02 23.05
CA ARG B 303 9.16 19.60 22.99
C ARG B 303 9.99 18.74 23.93
N LEU B 304 9.40 17.67 24.45
CA LEU B 304 10.16 16.82 25.36
C LEU B 304 11.09 15.92 24.58
N SER B 305 12.20 15.54 25.22
CA SER B 305 13.07 14.49 24.71
C SER B 305 12.45 13.09 24.78
N ALA B 306 12.95 12.19 23.92
CA ALA B 306 12.48 10.80 23.95
C ALA B 306 12.68 10.22 25.37
N GLY B 307 13.81 10.50 25.97
CA GLY B 307 14.09 9.99 27.30
C GLY B 307 13.17 10.59 28.34
N CYS B 308 12.85 11.89 28.22
CA CYS B 308 11.96 12.52 29.17
CA CYS B 308 11.95 12.52 29.16
C CYS B 308 10.54 11.93 29.01
N VAL B 309 10.12 11.64 27.77
CA VAL B 309 8.81 11.03 27.55
C VAL B 309 8.76 9.63 28.19
N GLY B 310 9.86 8.88 28.05
CA GLY B 310 10.00 7.57 28.72
C GLY B 310 9.80 7.63 30.25
N GLU B 311 10.44 8.60 30.87
CA GLU B 311 10.24 8.90 32.28
C GLU B 311 8.80 9.31 32.62
N ARG B 312 8.16 10.14 31.80
CA ARG B 312 6.76 10.49 32.03
C ARG B 312 5.87 9.27 32.00
N ILE B 313 6.12 8.37 31.04
CA ILE B 313 5.29 7.18 30.90
C ILE B 313 5.46 6.35 32.16
N THR B 314 6.71 6.19 32.60
CA THR B 314 7.02 5.53 33.86
C THR B 314 6.27 6.15 35.06
N GLN B 315 6.29 7.47 35.20
CA GLN B 315 5.50 8.14 36.25
C GLN B 315 3.99 7.81 36.16
N MET B 316 3.43 7.95 34.96
CA MET B 316 1.99 7.77 34.80
C MET B 316 1.55 6.28 34.99
N GLN B 317 2.44 5.33 34.69
CA GLN B 317 2.27 3.89 35.00
CA GLN B 317 2.15 3.91 35.00
C GLN B 317 2.11 3.71 36.52
N ARG B 318 2.85 4.55 37.27
CA ARG B 318 2.96 4.46 38.73
C ARG B 318 1.88 5.23 39.46
N LEU B 319 0.88 5.76 38.73
CA LEU B 319 -0.19 6.56 39.33
C LEU B 319 -1.03 5.77 40.31
N THR B 320 -1.15 6.31 41.52
CA THR B 320 -1.85 5.70 42.64
C THR B 320 -3.19 6.38 42.88
#